data_3WHU
#
_entry.id   3WHU
#
_cell.length_a   101.68
_cell.length_b   58.71
_cell.length_c   56.43
_cell.angle_alpha   90.00
_cell.angle_beta   109.68
_cell.angle_gamma   90.00
#
_symmetry.space_group_name_H-M   'C 1 2 1'
#
loop_
_entity.id
_entity.type
_entity.pdbx_description
1 polymer 'Protein ERGIC-53'
2 polymer 'Multiple coagulation factor deficiency protein 2'
3 branched alpha-D-mannopyranose-(1-2)-alpha-D-mannopyranose
4 non-polymer 'CALCIUM ION'
5 non-polymer GLYCEROL
6 water water
#
loop_
_entity_poly.entity_id
_entity_poly.type
_entity_poly.pdbx_seq_one_letter_code
_entity_poly.pdbx_strand_id
1 'polypeptide(L)'
;MNHKVHMDGVGGDPAVALPHRRFEYKYSFKGPHLVQSDGTVPFWAHAGNAIPSSDQIRVAPSLKSQRGSVWTKTKAAFEN
WEVEVTFRVTGRGRIGADGLAIWYAENQGLEGPVFGSADLWNGVGIFFDSFDNDGKKNNPAIVIIGNNGQIHYDHQNDGA
SQALASCQRDFRNKPYPVRAKITYYQNTLTVMINNGFTPDKNDYEFCAKVENMIIPAQGHFGISAATGGLADDHDVLSFL
TFQLTE
;
A
2 'polypeptide(L)'
;MGHHHHHHHHHHSSGHIEGRHMLEMSPQELQLHYFKMHDYDGNNLLDGLELSTAITHVHKEEGSEQAPLMSEDELINIID
GVLRDDDKNNDGYIDYAEFAKSLQ
;
B
#
loop_
_chem_comp.id
_chem_comp.type
_chem_comp.name
_chem_comp.formula
CA non-polymer 'CALCIUM ION' 'Ca 2'
GOL non-polymer GLYCEROL 'C3 H8 O3'
MAN D-saccharide, alpha linking alpha-D-mannopyranose 'C6 H12 O6'
#
# COMPACT_ATOMS: atom_id res chain seq x y z
N PRO A 19 9.10 14.17 -13.06
CA PRO A 19 9.96 14.15 -11.88
C PRO A 19 10.66 12.81 -11.64
N HIS A 20 11.86 12.85 -11.04
CA HIS A 20 12.59 11.62 -10.72
C HIS A 20 11.84 10.86 -9.63
N ARG A 21 12.12 9.57 -9.54
CA ARG A 21 11.60 8.72 -8.49
C ARG A 21 12.74 8.04 -7.76
N ARG A 22 12.73 8.15 -6.44
CA ARG A 22 13.59 7.30 -5.62
C ARG A 22 12.73 6.18 -4.98
N PHE A 23 13.22 4.95 -5.01
CA PHE A 23 12.48 3.89 -4.35
C PHE A 23 12.81 3.92 -2.85
N GLU A 24 11.76 3.92 -2.03
CA GLU A 24 11.88 3.92 -0.58
C GLU A 24 11.54 2.57 0.07
N TYR A 25 12.56 1.74 0.21
CA TYR A 25 12.36 0.39 0.69
C TYR A 25 11.83 0.26 2.10
N LYS A 26 12.07 1.27 2.91
CA LYS A 26 11.72 1.23 4.34
C LYS A 26 10.23 1.44 4.48
N TYR A 27 9.60 1.86 3.39
CA TYR A 27 8.17 2.11 3.35
C TYR A 27 7.50 1.20 2.32
N SER A 28 8.09 0.03 2.09
CA SER A 28 7.57 -0.86 1.07
C SER A 28 7.61 -2.28 1.57
N PHE A 29 6.80 -3.11 0.92
CA PHE A 29 6.90 -4.58 1.03
C PHE A 29 6.51 -5.25 -0.29
N LYS A 30 6.95 -6.49 -0.45
CA LYS A 30 6.50 -7.32 -1.53
C LYS A 30 7.11 -8.72 -1.40
N GLY A 31 6.55 -9.67 -2.17
CA GLY A 31 7.10 -11.03 -2.26
C GLY A 31 8.30 -10.96 -3.17
N PRO A 32 8.95 -12.11 -3.42
CA PRO A 32 8.58 -13.48 -3.03
C PRO A 32 9.02 -13.96 -1.65
N HIS A 33 9.83 -13.17 -0.94
CA HIS A 33 10.20 -13.45 0.44
C HIS A 33 9.67 -12.35 1.39
N LEU A 34 8.37 -12.14 1.36
CA LEU A 34 7.74 -10.94 1.97
C LEU A 34 7.80 -10.96 3.50
N VAL A 35 7.73 -12.17 4.07
CA VAL A 35 7.79 -12.31 5.52
C VAL A 35 9.10 -12.90 5.98
N GLN A 36 9.57 -12.37 7.12
CA GLN A 36 10.72 -12.92 7.77
C GLN A 36 10.40 -14.24 8.44
N SER A 37 11.45 -14.98 8.79
CA SER A 37 11.30 -16.30 9.41
C SER A 37 10.44 -16.28 10.68
N ASP A 38 10.33 -15.14 11.34
CA ASP A 38 9.50 -15.00 12.55
C ASP A 38 8.09 -14.51 12.30
N GLY A 39 7.66 -14.54 11.05
CA GLY A 39 6.29 -14.20 10.70
C GLY A 39 6.02 -12.72 10.65
N THR A 40 7.08 -11.92 10.60
CA THR A 40 6.94 -10.46 10.56
C THR A 40 7.38 -9.84 9.21
N VAL A 41 6.87 -8.65 8.92
CA VAL A 41 7.09 -7.96 7.67
C VAL A 41 8.06 -6.82 7.93
N PRO A 42 9.29 -6.92 7.43
CA PRO A 42 10.26 -5.89 7.69
C PRO A 42 9.72 -4.47 7.52
N PHE A 43 9.97 -3.63 8.53
CA PHE A 43 9.65 -2.20 8.53
C PHE A 43 8.18 -1.92 8.55
N TRP A 44 7.36 -2.92 8.84
CA TRP A 44 5.93 -2.67 8.97
C TRP A 44 5.39 -3.44 10.16
N ALA A 45 4.38 -2.84 10.77
CA ALA A 45 3.69 -3.45 11.90
C ALA A 45 2.32 -3.88 11.40
N HIS A 46 1.95 -5.10 11.74
CA HIS A 46 0.70 -5.67 11.26
C HIS A 46 -0.12 -6.09 12.44
N ALA A 47 -1.43 -6.12 12.25
CA ALA A 47 -2.28 -6.29 13.39
C ALA A 47 -3.70 -6.66 12.99
N GLY A 48 -4.57 -6.81 13.99
CA GLY A 48 -5.89 -7.38 13.75
C GLY A 48 -5.69 -8.80 13.27
N ASN A 49 -6.48 -9.19 12.30
CA ASN A 49 -6.42 -10.52 11.70
C ASN A 49 -5.68 -10.60 10.34
N ALA A 50 -4.64 -9.79 10.17
CA ALA A 50 -3.90 -9.74 8.90
C ALA A 50 -2.82 -10.80 8.94
N ILE A 51 -2.75 -11.60 7.89
CA ILE A 51 -1.74 -12.66 7.83
C ILE A 51 -0.70 -12.32 6.75
N PRO A 52 0.53 -12.10 7.16
CA PRO A 52 1.62 -12.06 6.19
C PRO A 52 1.96 -13.46 5.69
N SER A 53 2.29 -13.59 4.41
CA SER A 53 2.83 -14.82 3.89
C SER A 53 3.86 -14.40 2.88
N SER A 54 4.60 -15.35 2.31
CA SER A 54 5.73 -15.00 1.46
C SER A 54 5.40 -14.14 0.21
N ASP A 55 4.18 -14.25 -0.35
CA ASP A 55 3.87 -13.58 -1.62
C ASP A 55 2.75 -12.55 -1.57
N GLN A 56 2.15 -12.38 -0.39
CA GLN A 56 1.09 -11.40 -0.18
C GLN A 56 0.73 -11.36 1.31
N ILE A 57 0.03 -10.30 1.71
CA ILE A 57 -0.55 -10.21 3.03
C ILE A 57 -2.04 -10.32 2.83
N ARG A 58 -2.66 -11.32 3.45
CA ARG A 58 -4.14 -11.32 3.49
C ARG A 58 -4.61 -10.42 4.60
N VAL A 59 -4.96 -9.17 4.28
CA VAL A 59 -5.16 -8.16 5.31
C VAL A 59 -6.42 -8.50 6.11
N ALA A 60 -7.43 -8.98 5.42
CA ALA A 60 -8.62 -9.40 6.08
C ALA A 60 -9.20 -10.59 5.31
N PRO A 61 -9.39 -11.72 6.01
CA PRO A 61 -9.78 -12.95 5.39
C PRO A 61 -11.26 -13.03 5.25
N SER A 62 -11.70 -13.94 4.38
CA SER A 62 -13.10 -14.07 4.02
C SER A 62 -13.88 -14.72 5.16
N LEU A 63 -13.73 -14.16 6.36
CA LEU A 63 -14.44 -14.56 7.55
C LEU A 63 -15.27 -13.39 8.08
N LYS A 64 -16.31 -13.69 8.87
CA LYS A 64 -17.19 -12.66 9.48
C LYS A 64 -16.47 -11.64 10.36
N SER A 65 -16.79 -10.37 10.15
CA SER A 65 -16.41 -9.36 11.12
C SER A 65 -14.90 -9.38 11.38
N GLN A 66 -14.12 -9.19 10.32
CA GLN A 66 -12.68 -9.26 10.42
C GLN A 66 -12.10 -7.88 10.29
N ARG A 67 -10.93 -7.70 10.88
CA ARG A 67 -10.19 -6.45 10.80
C ARG A 67 -8.71 -6.74 10.77
N GLY A 68 -8.02 -6.03 9.88
CA GLY A 68 -6.56 -6.10 9.82
C GLY A 68 -5.97 -4.83 9.28
N SER A 69 -4.71 -4.61 9.54
CA SER A 69 -4.01 -3.47 9.04
C SER A 69 -2.55 -3.82 8.93
N VAL A 70 -1.85 -3.09 8.06
CA VAL A 70 -0.40 -3.10 7.98
C VAL A 70 -0.03 -1.63 7.80
N TRP A 71 0.88 -1.16 8.67
CA TRP A 71 1.28 0.23 8.78
C TRP A 71 2.79 0.25 8.98
N THR A 72 3.46 1.29 8.50
CA THR A 72 4.90 1.38 8.62
C THR A 72 5.24 1.73 10.03
N LYS A 73 6.41 1.24 10.45
CA LYS A 73 6.99 1.57 11.75
C LYS A 73 7.49 3.02 11.77
N THR A 74 8.66 3.27 11.20
CA THR A 74 9.15 4.62 10.98
C THR A 74 8.05 5.44 10.29
N LYS A 75 8.18 6.76 10.36
CA LYS A 75 7.34 7.67 9.59
C LYS A 75 8.18 7.96 8.38
N ALA A 76 7.74 8.87 7.51
CA ALA A 76 8.55 9.19 6.33
C ALA A 76 8.42 10.66 5.94
N ALA A 77 9.53 11.39 5.98
CA ALA A 77 9.53 12.81 5.61
C ALA A 77 9.76 12.96 4.10
N PHE A 78 8.65 13.01 3.35
CA PHE A 78 8.68 13.16 1.90
C PHE A 78 7.72 14.25 1.50
N GLU A 79 8.22 15.31 0.86
CA GLU A 79 7.36 16.42 0.41
C GLU A 79 6.34 15.97 -0.66
N ASN A 80 6.82 15.30 -1.68
CA ASN A 80 5.97 14.68 -2.71
C ASN A 80 6.29 13.19 -2.85
N TRP A 81 5.27 12.39 -3.16
CA TRP A 81 5.47 10.95 -3.22
C TRP A 81 4.47 10.24 -4.12
N GLU A 82 4.81 8.97 -4.38
CA GLU A 82 3.98 8.05 -5.14
C GLU A 82 4.04 6.65 -4.53
N VAL A 83 2.84 6.03 -4.39
CA VAL A 83 2.72 4.62 -4.00
C VAL A 83 1.95 3.78 -5.02
N GLU A 84 2.49 2.63 -5.37
CA GLU A 84 1.77 1.69 -6.22
C GLU A 84 1.39 0.48 -5.39
N VAL A 85 0.11 0.13 -5.40
CA VAL A 85 -0.38 -0.89 -4.51
C VAL A 85 -1.04 -1.93 -5.39
N THR A 86 -0.64 -3.20 -5.24
CA THR A 86 -1.20 -4.30 -6.01
C THR A 86 -1.97 -5.17 -5.03
N PHE A 87 -3.25 -5.42 -5.33
CA PHE A 87 -4.06 -6.23 -4.45
C PHE A 87 -5.11 -7.03 -5.21
N ARG A 88 -5.66 -8.05 -4.56
CA ARG A 88 -6.84 -8.75 -5.04
C ARG A 88 -7.87 -8.74 -3.93
N VAL A 89 -9.11 -8.59 -4.32
CA VAL A 89 -10.22 -8.67 -3.43
C VAL A 89 -11.13 -9.74 -4.03
N THR A 90 -11.10 -10.94 -3.44
CA THR A 90 -11.77 -12.10 -3.99
C THR A 90 -12.97 -12.51 -3.13
N GLY A 91 -14.04 -12.98 -3.76
CA GLY A 91 -15.17 -13.60 -3.05
C GLY A 91 -16.16 -14.35 -3.96
N ARG A 92 -16.97 -15.24 -3.37
CA ARG A 92 -17.96 -16.04 -4.10
C ARG A 92 -19.01 -15.13 -4.75
N GLY A 93 -19.57 -14.22 -3.95
CA GLY A 93 -20.68 -13.40 -4.37
C GLY A 93 -20.36 -12.37 -5.44
N ARG A 94 -21.39 -11.97 -6.17
CA ARG A 94 -21.32 -10.78 -7.02
C ARG A 94 -21.35 -9.54 -6.10
N ILE A 95 -21.68 -9.78 -4.83
CA ILE A 95 -21.66 -8.77 -3.79
C ILE A 95 -20.70 -9.23 -2.69
N GLY A 96 -19.84 -8.33 -2.23
CA GLY A 96 -18.93 -8.64 -1.15
C GLY A 96 -18.72 -7.49 -0.21
N ALA A 97 -18.03 -7.76 0.89
CA ALA A 97 -17.72 -6.73 1.85
C ALA A 97 -16.40 -7.07 2.49
N ASP A 98 -15.82 -6.12 3.24
CA ASP A 98 -16.32 -4.73 3.29
C ASP A 98 -15.46 -3.78 2.44
N GLY A 99 -14.17 -4.09 2.32
CA GLY A 99 -13.28 -3.40 1.41
C GLY A 99 -11.96 -3.03 2.03
N LEU A 100 -11.27 -2.11 1.37
CA LEU A 100 -9.86 -1.94 1.58
C LEU A 100 -9.47 -0.47 1.49
N ALA A 101 -8.51 -0.09 2.31
CA ALA A 101 -8.15 1.31 2.44
C ALA A 101 -6.67 1.46 2.41
N ILE A 102 -6.19 2.42 1.64
CA ILE A 102 -4.77 2.84 1.62
C ILE A 102 -4.66 4.17 2.37
N TRP A 103 -3.62 4.31 3.20
CA TRP A 103 -3.49 5.40 4.16
C TRP A 103 -2.17 6.15 4.06
N TYR A 104 -2.25 7.48 4.12
CA TYR A 104 -1.18 8.34 4.69
C TYR A 104 -1.74 9.15 5.86
N ALA A 105 -0.97 9.24 6.93
CA ALA A 105 -1.46 9.87 8.12
C ALA A 105 -0.36 10.07 9.15
N GLU A 106 -0.56 11.04 10.05
CA GLU A 106 0.38 11.31 11.13
C GLU A 106 0.49 10.13 12.11
N ASN A 107 -0.62 9.43 12.31
CA ASN A 107 -0.66 8.34 13.27
C ASN A 107 -1.02 6.96 12.69
N GLN A 108 -0.19 5.97 13.02
CA GLN A 108 -0.57 4.55 12.89
C GLN A 108 -2.01 4.33 13.36
N GLY A 109 -2.91 4.02 12.44
CA GLY A 109 -4.28 3.63 12.78
C GLY A 109 -4.44 2.12 12.68
N LEU A 110 -3.78 1.40 13.58
CA LEU A 110 -3.71 -0.06 13.50
C LEU A 110 -5.07 -0.77 13.69
N GLU A 111 -5.64 -0.57 14.88
CA GLU A 111 -6.93 -1.12 15.26
C GLU A 111 -7.95 -0.01 15.11
N GLY A 112 -9.12 -0.31 14.55
CA GLY A 112 -10.23 0.65 14.50
C GLY A 112 -11.40 0.22 13.64
N PRO A 113 -12.47 1.04 13.61
CA PRO A 113 -13.70 0.81 12.82
C PRO A 113 -13.66 1.24 11.37
N VAL A 114 -12.57 1.87 10.95
CA VAL A 114 -12.50 2.43 9.60
C VAL A 114 -11.76 1.44 8.72
N PHE A 115 -12.50 0.71 7.88
CA PHE A 115 -11.93 -0.39 7.12
C PHE A 115 -10.76 -1.03 7.88
N GLY A 116 -11.04 -1.42 9.13
CA GLY A 116 -10.06 -2.03 10.01
C GLY A 116 -9.10 -1.11 10.69
N SER A 117 -8.99 0.13 10.22
CA SER A 117 -8.11 1.15 10.83
C SER A 117 -8.81 2.14 11.77
N ALA A 118 -8.00 2.78 12.62
CA ALA A 118 -8.43 3.81 13.58
C ALA A 118 -9.15 5.02 12.94
N ASP A 119 -10.16 5.56 13.62
CA ASP A 119 -10.80 6.81 13.19
C ASP A 119 -10.04 8.04 13.72
N LEU A 120 -10.52 9.22 13.33
CA LEU A 120 -9.91 10.51 13.73
C LEU A 120 -8.52 10.63 13.13
N TRP A 121 -8.36 10.17 11.91
CA TRP A 121 -7.02 10.11 11.34
C TRP A 121 -6.54 11.52 10.92
N ASN A 122 -5.24 11.76 11.04
CA ASN A 122 -4.67 13.01 10.54
C ASN A 122 -3.91 12.83 9.21
N GLY A 123 -4.64 12.95 8.12
CA GLY A 123 -4.10 12.87 6.78
C GLY A 123 -5.20 12.41 5.84
N VAL A 124 -4.80 11.66 4.81
CA VAL A 124 -5.66 11.17 3.70
C VAL A 124 -5.92 9.64 3.74
N GLY A 125 -7.02 9.19 3.10
CA GLY A 125 -7.31 7.77 3.04
C GLY A 125 -8.20 7.37 1.89
N ILE A 126 -7.73 6.44 1.07
CA ILE A 126 -8.41 6.08 -0.17
C ILE A 126 -9.11 4.73 -0.01
N PHE A 127 -10.42 4.69 -0.18
CA PHE A 127 -11.22 3.57 0.27
C PHE A 127 -11.81 2.86 -0.90
N PHE A 128 -11.48 1.57 -0.98
CA PHE A 128 -11.97 0.70 -2.00
C PHE A 128 -13.11 0.00 -1.32
N ASP A 129 -14.33 0.42 -1.68
CA ASP A 129 -15.53 0.09 -0.92
C ASP A 129 -16.42 -0.87 -1.69
N SER A 130 -16.41 -2.13 -1.25
CA SER A 130 -17.08 -3.20 -1.95
C SER A 130 -18.58 -3.12 -1.70
N PHE A 131 -18.93 -2.54 -0.55
CA PHE A 131 -20.29 -2.65 -0.04
C PHE A 131 -21.11 -1.34 -0.06
N ASP A 132 -22.19 -1.39 -0.83
CA ASP A 132 -23.13 -0.29 -0.99
C ASP A 132 -23.98 -0.06 0.30
N ASN A 133 -23.40 0.58 1.32
CA ASN A 133 -24.05 0.74 2.64
C ASN A 133 -25.22 1.76 2.69
N ASP A 134 -25.16 2.77 1.84
CA ASP A 134 -26.23 3.78 1.74
C ASP A 134 -27.01 3.55 0.44
N GLY A 135 -27.38 2.29 0.19
CA GLY A 135 -28.36 1.92 -0.84
C GLY A 135 -28.42 2.69 -2.15
N LYS A 136 -27.32 3.35 -2.53
CA LYS A 136 -27.29 4.20 -3.74
C LYS A 136 -26.89 3.47 -5.03
N LYS A 137 -26.80 2.13 -5.04
CA LYS A 137 -26.33 1.41 -6.25
C LYS A 137 -25.07 2.05 -6.90
N ASN A 138 -24.16 2.53 -6.07
CA ASN A 138 -22.98 3.28 -6.50
C ASN A 138 -21.63 2.59 -6.14
N ASN A 139 -21.69 1.27 -5.89
CA ASN A 139 -20.54 0.48 -5.41
C ASN A 139 -20.30 -0.76 -6.28
N PRO A 140 -19.06 -1.30 -6.30
CA PRO A 140 -17.85 -0.93 -5.57
C PRO A 140 -17.24 0.36 -6.06
N ALA A 141 -16.56 1.06 -5.16
CA ALA A 141 -16.20 2.46 -5.38
C ALA A 141 -14.95 2.90 -4.66
N ILE A 142 -14.22 3.81 -5.31
CA ILE A 142 -12.98 4.33 -4.75
C ILE A 142 -13.19 5.75 -4.23
N VAL A 143 -12.76 5.99 -2.99
CA VAL A 143 -13.13 7.19 -2.28
C VAL A 143 -11.92 7.83 -1.59
N ILE A 144 -11.83 9.15 -1.69
CA ILE A 144 -10.76 9.89 -1.06
C ILE A 144 -11.37 10.71 0.05
N ILE A 145 -10.71 10.76 1.20
CA ILE A 145 -11.26 11.40 2.39
C ILE A 145 -10.16 12.04 3.26
N GLY A 146 -10.31 13.35 3.49
CA GLY A 146 -9.39 14.08 4.33
C GLY A 146 -9.91 14.08 5.75
N ASN A 147 -8.99 14.16 6.70
CA ASN A 147 -9.35 14.13 8.10
C ASN A 147 -8.20 14.76 8.87
N ASN A 148 -8.55 15.80 9.61
CA ASN A 148 -7.60 16.68 10.26
C ASN A 148 -7.41 16.33 11.74
N GLY A 149 -8.09 15.29 12.18
CA GLY A 149 -7.96 14.76 13.54
C GLY A 149 -9.23 14.74 14.36
N GLN A 150 -10.34 15.18 13.78
CA GLN A 150 -11.58 15.39 14.53
C GLN A 150 -12.88 15.02 13.80
N ILE A 151 -12.75 14.39 12.62
CA ILE A 151 -13.91 13.94 11.83
C ILE A 151 -14.18 12.43 12.10
N HIS A 152 -15.37 11.95 11.75
CA HIS A 152 -15.73 10.53 11.92
C HIS A 152 -16.28 9.93 10.62
N TYR A 153 -15.66 8.83 10.20
CA TYR A 153 -15.98 8.24 8.89
C TYR A 153 -17.42 7.69 8.85
N ASP A 154 -18.19 8.12 7.85
CA ASP A 154 -19.60 7.82 7.81
C ASP A 154 -19.80 6.47 7.19
N HIS A 155 -19.46 5.44 7.97
CA HIS A 155 -19.49 4.07 7.48
C HIS A 155 -20.76 3.79 6.72
N GLN A 156 -21.90 3.97 7.40
CA GLN A 156 -23.21 3.66 6.82
C GLN A 156 -23.50 4.46 5.56
N ASN A 157 -22.87 5.63 5.44
CA ASN A 157 -23.00 6.43 4.21
C ASN A 157 -21.76 6.44 3.31
N ASP A 158 -20.91 5.42 3.41
CA ASP A 158 -19.79 5.27 2.48
C ASP A 158 -19.08 6.61 2.30
N GLY A 159 -18.86 7.32 3.41
CA GLY A 159 -18.34 8.70 3.42
C GLY A 159 -18.75 9.70 2.33
N ALA A 160 -19.88 9.48 1.66
CA ALA A 160 -20.20 10.23 0.43
C ALA A 160 -20.09 11.76 0.63
N SER A 161 -20.54 12.23 1.79
CA SER A 161 -20.47 13.66 2.11
C SER A 161 -19.04 14.18 2.30
N GLN A 162 -18.19 13.39 2.96
CA GLN A 162 -16.77 13.79 3.19
C GLN A 162 -15.84 13.45 2.01
N ALA A 163 -16.41 12.87 0.95
CA ALA A 163 -15.67 12.48 -0.24
C ALA A 163 -15.01 13.67 -0.93
N LEU A 164 -13.75 13.95 -0.60
CA LEU A 164 -12.97 14.99 -1.29
C LEU A 164 -12.99 14.76 -2.79
N ALA A 165 -12.91 13.50 -3.19
CA ALA A 165 -13.06 13.13 -4.59
C ALA A 165 -13.33 11.64 -4.62
N SER A 166 -13.75 11.10 -5.77
CA SER A 166 -14.14 9.69 -5.84
C SER A 166 -14.41 9.24 -7.26
N CYS A 167 -14.49 7.92 -7.44
CA CYS A 167 -14.83 7.30 -8.74
C CYS A 167 -15.49 5.96 -8.48
N GLN A 168 -15.79 5.24 -9.56
CA GLN A 168 -16.50 3.98 -9.48
C GLN A 168 -15.93 2.93 -10.38
N ARG A 169 -14.96 2.16 -9.89
CA ARG A 169 -14.48 0.96 -10.61
C ARG A 169 -14.74 -0.28 -9.76
N ASP A 170 -15.02 -1.41 -10.43
CA ASP A 170 -15.28 -2.71 -9.81
C ASP A 170 -13.97 -3.48 -9.63
N PHE A 171 -13.36 -3.36 -8.45
CA PHE A 171 -12.05 -3.95 -8.19
C PHE A 171 -12.12 -5.42 -7.76
N ARG A 172 -13.33 -5.99 -7.66
CA ARG A 172 -13.44 -7.37 -7.18
C ARG A 172 -13.29 -8.42 -8.26
N ASN A 173 -12.73 -9.55 -7.87
CA ASN A 173 -12.76 -10.74 -8.66
C ASN A 173 -12.17 -10.64 -10.07
N LYS A 174 -11.04 -9.93 -10.20
CA LYS A 174 -10.38 -9.77 -11.49
C LYS A 174 -9.35 -10.86 -11.79
N PRO A 175 -9.08 -11.09 -13.10
CA PRO A 175 -8.25 -12.24 -13.51
C PRO A 175 -6.74 -11.99 -13.42
N TYR A 176 -6.36 -10.72 -13.28
CA TYR A 176 -5.00 -10.31 -12.90
C TYR A 176 -5.22 -9.37 -11.75
N PRO A 177 -4.18 -9.08 -10.95
CA PRO A 177 -4.40 -8.23 -9.79
C PRO A 177 -4.55 -6.75 -10.11
N VAL A 178 -5.28 -6.08 -9.28
CA VAL A 178 -5.55 -4.67 -9.45
C VAL A 178 -4.38 -3.94 -8.85
N ARG A 179 -4.10 -2.77 -9.38
CA ARG A 179 -3.00 -1.93 -8.98
C ARG A 179 -3.58 -0.52 -8.83
N ALA A 180 -3.17 0.21 -7.80
CA ALA A 180 -3.59 1.56 -7.58
C ALA A 180 -2.37 2.44 -7.43
N LYS A 181 -2.16 3.32 -8.40
CA LYS A 181 -1.08 4.31 -8.32
C LYS A 181 -1.68 5.49 -7.64
N ILE A 182 -0.97 6.02 -6.64
CA ILE A 182 -1.51 7.09 -5.83
C ILE A 182 -0.41 8.08 -5.59
N THR A 183 -0.48 9.19 -6.31
CA THR A 183 0.60 10.17 -6.37
C THR A 183 0.18 11.42 -5.61
N TYR A 184 1.11 11.99 -4.86
CA TYR A 184 0.92 13.32 -4.28
C TYR A 184 2.02 14.25 -4.81
N TYR A 185 1.68 15.12 -5.76
CA TYR A 185 2.66 16.02 -6.40
C TYR A 185 2.17 17.48 -6.44
N GLN A 186 2.77 18.31 -5.58
CA GLN A 186 2.46 19.75 -5.47
C GLN A 186 1.02 19.96 -5.03
N ASN A 187 0.72 19.51 -3.81
CA ASN A 187 -0.61 19.64 -3.22
C ASN A 187 -1.77 19.07 -4.06
N THR A 188 -1.45 18.11 -4.91
CA THR A 188 -2.46 17.39 -5.70
C THR A 188 -2.27 15.87 -5.60
N LEU A 189 -3.01 15.25 -4.68
CA LEU A 189 -3.13 13.80 -4.67
C LEU A 189 -3.86 13.29 -5.90
N THR A 190 -3.25 12.32 -6.58
CA THR A 190 -3.84 11.73 -7.77
C THR A 190 -3.91 10.22 -7.59
N VAL A 191 -4.96 9.62 -8.17
CA VAL A 191 -5.27 8.19 -8.05
C VAL A 191 -5.61 7.60 -9.42
N MET A 192 -4.65 6.87 -9.99
CA MET A 192 -4.86 6.07 -11.21
C MET A 192 -5.08 4.64 -10.75
N ILE A 193 -5.77 3.85 -11.57
CA ILE A 193 -6.18 2.50 -11.17
C ILE A 193 -6.08 1.58 -12.35
N ASN A 194 -5.61 0.36 -12.13
CA ASN A 194 -5.46 -0.60 -13.21
C ASN A 194 -6.30 -1.79 -12.85
N ASN A 195 -7.29 -2.09 -13.68
CA ASN A 195 -8.45 -2.82 -13.22
C ASN A 195 -8.34 -4.34 -13.30
N GLY A 196 -7.13 -4.84 -13.46
CA GLY A 196 -6.90 -6.28 -13.35
C GLY A 196 -7.32 -7.03 -14.59
N PHE A 197 -7.54 -6.29 -15.66
CA PHE A 197 -8.03 -6.91 -16.88
C PHE A 197 -6.89 -7.34 -17.79
N THR A 198 -5.84 -6.54 -17.86
CA THR A 198 -4.62 -6.93 -18.57
C THR A 198 -3.49 -7.16 -17.58
N PRO A 199 -2.41 -7.80 -18.02
CA PRO A 199 -1.22 -8.03 -17.17
C PRO A 199 -0.17 -6.93 -17.35
N ASP A 200 -0.53 -5.90 -18.11
CA ASP A 200 0.32 -4.74 -18.26
C ASP A 200 0.18 -3.95 -16.97
N LYS A 201 1.08 -4.24 -16.04
CA LYS A 201 1.12 -3.53 -14.78
C LYS A 201 1.07 -2.00 -14.93
N ASN A 202 1.33 -1.47 -16.12
CA ASN A 202 1.22 -0.02 -16.36
C ASN A 202 -0.04 0.44 -17.10
N ASP A 203 -0.97 -0.47 -17.36
CA ASP A 203 -2.23 -0.12 -18.01
C ASP A 203 -3.17 0.53 -16.98
N TYR A 204 -2.77 1.70 -16.50
CA TYR A 204 -3.59 2.49 -15.59
C TYR A 204 -4.69 3.24 -16.35
N GLU A 205 -5.68 3.74 -15.61
CA GLU A 205 -6.79 4.57 -16.13
C GLU A 205 -7.15 5.56 -15.04
N PHE A 206 -7.72 6.70 -15.41
CA PHE A 206 -7.97 7.77 -14.44
C PHE A 206 -9.11 7.41 -13.50
N CYS A 207 -8.91 7.67 -12.20
CA CYS A 207 -9.97 7.52 -11.21
C CYS A 207 -10.34 8.90 -10.66
N ALA A 208 -9.39 9.61 -10.06
CA ALA A 208 -9.71 10.83 -9.34
C ALA A 208 -8.47 11.61 -8.91
N LYS A 209 -8.71 12.73 -8.23
CA LYS A 209 -7.73 13.80 -8.05
C LYS A 209 -8.26 14.77 -6.98
N VAL A 210 -7.34 15.32 -6.18
CA VAL A 210 -7.70 16.36 -5.22
C VAL A 210 -6.71 17.50 -5.28
N GLU A 211 -7.18 18.67 -5.75
CA GLU A 211 -6.32 19.83 -5.94
C GLU A 211 -6.06 20.46 -4.59
N ASN A 212 -4.91 21.12 -4.43
CA ASN A 212 -4.69 21.99 -3.25
C ASN A 212 -4.95 21.26 -1.93
N MET A 213 -4.21 20.18 -1.74
CA MET A 213 -4.31 19.35 -0.53
C MET A 213 -3.04 19.33 0.31
N ILE A 214 -3.22 19.44 1.62
CA ILE A 214 -2.10 19.44 2.55
C ILE A 214 -2.29 18.26 3.50
N ILE A 215 -1.19 17.58 3.74
CA ILE A 215 -1.16 16.40 4.61
C ILE A 215 0.15 16.45 5.41
N PRO A 216 0.19 15.73 6.54
CA PRO A 216 1.31 15.95 7.47
C PRO A 216 2.69 15.84 6.83
N ALA A 217 3.60 16.70 7.26
CA ALA A 217 4.99 16.68 6.80
C ALA A 217 5.61 15.29 6.87
N GLN A 218 5.35 14.56 7.97
CA GLN A 218 5.83 13.19 8.12
C GLN A 218 4.76 12.35 8.75
N GLY A 219 4.59 11.16 8.18
CA GLY A 219 3.58 10.24 8.67
C GLY A 219 3.92 8.82 8.29
N HIS A 220 2.99 7.94 8.67
CA HIS A 220 3.02 6.53 8.32
C HIS A 220 2.16 6.30 7.09
N PHE A 221 2.60 5.32 6.30
CA PHE A 221 1.78 4.74 5.24
C PHE A 221 1.14 3.51 5.86
N GLY A 222 -0.01 3.14 5.33
CA GLY A 222 -0.81 2.13 5.96
C GLY A 222 -1.77 1.50 4.99
N ILE A 223 -2.18 0.28 5.32
CA ILE A 223 -3.13 -0.46 4.51
C ILE A 223 -3.90 -1.42 5.41
N SER A 224 -5.20 -1.44 5.22
CA SER A 224 -6.08 -2.10 6.10
C SER A 224 -7.29 -2.57 5.34
N ALA A 225 -8.04 -3.47 5.96
CA ALA A 225 -9.31 -3.97 5.39
C ALA A 225 -10.20 -4.62 6.47
N ALA A 226 -11.37 -5.05 6.04
CA ALA A 226 -12.35 -5.51 6.96
C ALA A 226 -13.58 -6.12 6.29
N THR A 227 -14.28 -6.94 7.07
CA THR A 227 -15.50 -7.61 6.67
C THR A 227 -16.52 -7.45 7.79
N GLY A 228 -17.74 -7.91 7.54
CA GLY A 228 -18.74 -7.98 8.58
C GLY A 228 -19.72 -9.10 8.31
N GLY A 229 -20.93 -8.72 7.89
CA GLY A 229 -21.93 -9.70 7.56
C GLY A 229 -21.47 -10.50 6.37
N LEU A 230 -21.05 -9.79 5.33
CA LEU A 230 -20.40 -10.39 4.17
C LEU A 230 -18.88 -10.26 4.31
N ALA A 231 -18.12 -11.09 3.59
CA ALA A 231 -16.68 -11.13 3.78
C ALA A 231 -15.91 -11.60 2.56
N ASP A 232 -14.90 -10.82 2.14
CA ASP A 232 -13.97 -11.23 1.06
C ASP A 232 -12.56 -11.48 1.62
N ASP A 233 -11.74 -12.15 0.81
CA ASP A 233 -10.31 -12.10 1.04
C ASP A 233 -9.76 -10.82 0.45
N HIS A 234 -8.97 -10.11 1.27
CA HIS A 234 -8.32 -8.86 0.87
C HIS A 234 -6.84 -9.08 0.92
N ASP A 235 -6.23 -9.21 -0.26
CA ASP A 235 -4.82 -9.55 -0.32
C ASP A 235 -4.03 -8.44 -0.96
N VAL A 236 -2.95 -8.03 -0.30
CA VAL A 236 -2.08 -7.00 -0.86
C VAL A 236 -0.78 -7.70 -1.19
N LEU A 237 -0.39 -7.72 -2.45
CA LEU A 237 0.78 -8.45 -2.91
C LEU A 237 2.02 -7.58 -2.73
N SER A 238 1.87 -6.27 -2.87
CA SER A 238 2.97 -5.34 -2.72
C SER A 238 2.50 -3.89 -2.50
N PHE A 239 3.33 -3.15 -1.78
CA PHE A 239 3.09 -1.75 -1.47
C PHE A 239 4.42 -1.11 -1.71
N LEU A 240 4.48 -0.29 -2.76
CA LEU A 240 5.77 0.23 -3.24
C LEU A 240 5.70 1.72 -3.18
N THR A 241 6.68 2.29 -2.50
CA THR A 241 6.69 3.70 -2.17
C THR A 241 7.89 4.47 -2.84
N PHE A 242 7.58 5.67 -3.35
CA PHE A 242 8.57 6.52 -4.04
C PHE A 242 8.66 7.94 -3.47
N GLN A 243 9.88 8.34 -3.18
CA GLN A 243 10.22 9.75 -3.01
C GLN A 243 10.38 10.35 -4.41
N LEU A 244 9.68 11.45 -4.70
CA LEU A 244 9.75 12.06 -6.04
C LEU A 244 10.79 13.19 -6.27
N GLN B 31 29.88 -13.82 -11.19
CA GLN B 31 29.83 -12.43 -10.59
C GLN B 31 28.59 -11.64 -10.97
N LEU B 32 28.22 -11.67 -12.25
CA LEU B 32 26.88 -11.31 -12.68
C LEU B 32 25.86 -12.23 -11.96
N HIS B 33 26.27 -13.48 -11.84
CA HIS B 33 25.60 -14.47 -11.03
C HIS B 33 25.21 -13.97 -9.63
N TYR B 34 26.06 -13.14 -9.01
CA TYR B 34 25.79 -12.57 -7.68
C TYR B 34 24.98 -11.26 -7.68
N PHE B 35 25.08 -10.47 -8.74
CA PHE B 35 24.12 -9.40 -8.95
C PHE B 35 22.69 -9.94 -9.15
N LYS B 36 22.61 -11.21 -9.60
CA LYS B 36 21.33 -11.80 -10.01
C LYS B 36 20.70 -12.63 -8.93
N MET B 37 21.51 -13.29 -8.11
CA MET B 37 20.98 -14.13 -7.04
C MET B 37 19.73 -13.56 -6.44
N HIS B 38 19.66 -12.25 -6.27
CA HIS B 38 18.53 -11.66 -5.57
C HIS B 38 17.78 -10.68 -6.34
N ASP B 39 17.95 -10.64 -7.65
CA ASP B 39 17.01 -9.84 -8.45
C ASP B 39 15.67 -10.57 -8.71
N TYR B 40 14.88 -10.77 -7.67
CA TYR B 40 13.77 -11.71 -7.74
C TYR B 40 12.70 -11.26 -8.70
N ASP B 41 12.56 -9.95 -8.85
CA ASP B 41 11.56 -9.44 -9.77
C ASP B 41 12.17 -9.23 -11.19
N GLY B 42 13.42 -9.66 -11.38
CA GLY B 42 14.02 -9.70 -12.69
C GLY B 42 14.31 -8.41 -13.38
N ASN B 43 14.00 -7.26 -12.78
CA ASN B 43 14.36 -5.95 -13.37
C ASN B 43 15.86 -5.62 -13.56
N ASN B 44 16.78 -6.54 -13.29
CA ASN B 44 18.22 -6.20 -13.39
C ASN B 44 18.72 -5.03 -12.45
N LEU B 45 17.99 -4.83 -11.35
CA LEU B 45 18.31 -3.85 -10.31
C LEU B 45 18.16 -4.53 -8.96
N LEU B 46 18.95 -4.12 -7.99
CA LEU B 46 18.81 -4.54 -6.61
C LEU B 46 18.27 -3.36 -5.81
N ASP B 47 17.21 -3.59 -5.04
CA ASP B 47 16.70 -2.56 -4.18
C ASP B 47 16.85 -3.00 -2.73
N GLY B 48 16.38 -2.14 -1.82
CA GLY B 48 16.49 -2.37 -0.37
C GLY B 48 15.85 -3.67 0.09
N LEU B 49 14.62 -3.91 -0.39
CA LEU B 49 13.92 -5.09 0.01
C LEU B 49 14.61 -6.35 -0.52
N GLU B 50 15.08 -6.32 -1.78
CA GLU B 50 15.83 -7.49 -2.35
C GLU B 50 17.16 -7.75 -1.61
N LEU B 51 17.77 -6.66 -1.13
CA LEU B 51 18.99 -6.73 -0.32
C LEU B 51 18.70 -7.22 1.10
N SER B 52 17.59 -6.76 1.66
CA SER B 52 17.10 -7.26 2.95
C SER B 52 17.24 -8.75 3.04
N THR B 53 16.80 -9.46 1.99
CA THR B 53 16.70 -10.92 2.09
C THR B 53 18.08 -11.55 1.98
N ALA B 54 18.96 -10.95 1.18
CA ALA B 54 20.33 -11.46 1.11
C ALA B 54 20.95 -11.45 2.52
N ILE B 55 20.62 -10.41 3.28
CA ILE B 55 21.20 -10.19 4.61
C ILE B 55 20.57 -11.06 5.72
N THR B 56 19.28 -11.35 5.60
CA THR B 56 18.53 -12.06 6.65
C THR B 56 18.39 -13.55 6.37
N MET B 70 18.11 -10.99 13.51
CA MET B 70 18.82 -9.71 13.49
C MET B 70 17.83 -8.55 13.64
N SER B 71 18.26 -7.50 14.33
CA SER B 71 17.38 -6.40 14.68
C SER B 71 17.05 -5.60 13.42
N GLU B 72 15.82 -5.15 13.28
CA GLU B 72 15.50 -4.26 12.20
C GLU B 72 16.59 -3.21 12.07
N ASP B 73 16.85 -2.49 13.16
CA ASP B 73 17.80 -1.34 13.19
C ASP B 73 19.13 -1.66 12.51
N GLU B 74 19.66 -2.87 12.76
CA GLU B 74 20.93 -3.31 12.21
C GLU B 74 20.77 -3.55 10.74
N LEU B 75 19.60 -4.06 10.37
CA LEU B 75 19.27 -4.27 8.97
C LEU B 75 19.19 -2.92 8.24
N ILE B 76 18.33 -2.02 8.71
CA ILE B 76 18.23 -0.69 8.13
C ILE B 76 19.59 -0.03 8.04
N ASN B 77 20.47 -0.41 8.94
CA ASN B 77 21.78 0.20 9.01
C ASN B 77 22.62 -0.27 7.85
N ILE B 78 22.67 -1.59 7.68
CA ILE B 78 23.47 -2.16 6.61
C ILE B 78 22.95 -1.73 5.22
N ILE B 79 21.64 -1.87 5.00
CA ILE B 79 21.06 -1.50 3.74
C ILE B 79 21.35 -0.04 3.40
N ASP B 80 21.09 0.85 4.35
CA ASP B 80 21.30 2.29 4.15
C ASP B 80 22.74 2.57 3.78
N GLY B 81 23.64 1.72 4.28
CA GLY B 81 25.06 1.84 4.00
C GLY B 81 25.32 1.45 2.57
N VAL B 82 24.84 0.26 2.20
CA VAL B 82 24.95 -0.24 0.82
C VAL B 82 24.42 0.80 -0.16
N LEU B 83 23.29 1.45 0.14
CA LEU B 83 22.78 2.47 -0.76
C LEU B 83 23.81 3.57 -0.90
N ARG B 84 23.96 4.40 0.13
CA ARG B 84 25.00 5.45 0.16
C ARG B 84 26.26 5.02 -0.64
N ASP B 85 26.95 3.99 -0.18
CA ASP B 85 28.17 3.55 -0.85
C ASP B 85 28.01 3.35 -2.37
N ASP B 86 26.94 2.66 -2.82
CA ASP B 86 26.81 2.17 -4.22
C ASP B 86 25.84 2.96 -5.14
N ASP B 87 24.81 3.56 -4.56
CA ASP B 87 23.79 4.27 -5.35
C ASP B 87 24.26 5.67 -5.72
N LYS B 88 24.98 5.73 -6.83
CA LYS B 88 25.50 6.96 -7.39
C LYS B 88 24.45 7.86 -8.05
N ASN B 89 23.20 7.43 -8.20
CA ASN B 89 22.18 8.31 -8.83
C ASN B 89 20.98 8.68 -7.96
N ASN B 90 20.85 8.02 -6.82
CA ASN B 90 19.74 8.27 -5.93
C ASN B 90 18.35 7.90 -6.55
N ASP B 91 18.32 6.83 -7.35
CA ASP B 91 17.05 6.23 -7.76
C ASP B 91 16.58 5.26 -6.67
N GLY B 92 17.49 4.90 -5.75
CA GLY B 92 17.21 3.92 -4.73
C GLY B 92 17.26 2.49 -5.25
N TYR B 93 17.96 2.28 -6.35
CA TYR B 93 18.21 0.94 -6.89
C TYR B 93 19.68 0.82 -7.20
N ILE B 94 20.23 -0.39 -7.28
CA ILE B 94 21.58 -0.51 -7.78
C ILE B 94 21.71 -1.44 -9.02
N ASP B 95 22.23 -0.87 -10.11
CA ASP B 95 22.44 -1.59 -11.35
C ASP B 95 23.81 -2.23 -11.36
N TYR B 96 24.06 -3.08 -12.34
CA TYR B 96 25.29 -3.85 -12.40
C TYR B 96 26.54 -2.94 -12.43
N ALA B 97 26.41 -1.75 -13.03
CA ALA B 97 27.49 -0.73 -12.94
C ALA B 97 27.81 -0.54 -11.47
N GLU B 98 26.86 0.11 -10.77
CA GLU B 98 27.00 0.45 -9.35
C GLU B 98 27.43 -0.76 -8.53
N PHE B 99 26.87 -1.92 -8.86
CA PHE B 99 27.21 -3.15 -8.18
C PHE B 99 28.68 -3.52 -8.36
N ALA B 100 29.12 -3.66 -9.61
CA ALA B 100 30.52 -4.08 -9.94
C ALA B 100 31.59 -2.95 -9.88
N LYS B 101 31.15 -1.71 -9.64
CA LYS B 101 32.02 -0.60 -9.25
C LYS B 101 33.19 -0.31 -10.22
C1 MAN C . -23.47 -5.64 8.01
C2 MAN C . -22.80 -4.42 8.68
C3 MAN C . -22.20 -3.39 7.75
C4 MAN C . -21.44 -4.09 6.63
C5 MAN C . -22.20 -5.23 5.97
C6 MAN C . -21.28 -6.07 5.10
O1 MAN C . -24.79 -5.35 7.59
O2 MAN C . -21.69 -4.78 9.49
O3 MAN C . -21.32 -2.59 8.53
O4 MAN C . -21.10 -3.14 5.64
O5 MAN C . -22.78 -6.15 6.88
O6 MAN C . -20.34 -6.76 5.91
C1 MAN C . -22.04 -4.59 10.86
C2 MAN C . -20.87 -4.84 11.84
C3 MAN C . -20.53 -6.34 11.96
C4 MAN C . -21.84 -7.08 12.31
C5 MAN C . -22.80 -6.86 11.11
C6 MAN C . -24.08 -7.71 11.13
O2 MAN C . -21.21 -4.24 13.11
O3 MAN C . -19.50 -6.66 12.90
O4 MAN C . -21.59 -8.42 12.66
O5 MAN C . -23.12 -5.48 11.04
O6 MAN C . -24.87 -7.31 12.24
CA CA D . -19.33 0.65 2.62
CA CA E . -22.37 4.15 -1.35
C1 GOL F . 11.48 -8.69 -1.98
O1 GOL F . 11.24 -9.39 -3.19
C2 GOL F . 11.49 -9.73 -0.87
O2 GOL F . 10.19 -10.32 -0.73
C3 GOL F . 11.88 -9.02 0.42
O3 GOL F . 10.87 -8.05 0.73
CA CA G . 14.62 -5.62 -8.62
CA CA H . 21.21 3.37 -8.89
#